data_2JIJ
#
_entry.id   2JIJ
#
_cell.length_a   98.320
_cell.length_b   117.460
_cell.length_c   72.040
_cell.angle_alpha   90.00
_cell.angle_beta   90.00
_cell.angle_gamma   90.00
#
_symmetry.space_group_name_H-M   'P 21 21 2'
#
loop_
_entity.id
_entity.type
_entity.pdbx_description
1 polymer 'PROLYL-4 HYDROXYLASE'
2 non-polymer 'CHLORIDE ION'
3 water water
#
_entity_poly.entity_id   1
_entity_poly.type   'polypeptide(L)'
_entity_poly.pdbx_seq_one_letter_code
;MHHHHHHMVGFGELKEEWRGEVVHLSWSPRAFLLKNFLSDEECDYIVEKARPKMVKSSVVDNESGKSVDSEIRTSTGTWF
AKGEDSVISKIEKRVAQVTMIPLENHEGLQVLHYHDGQKYEPHYDYFHDPVNAGPEHGGQRVVTMLMYLTTVEEGGETVL
PNAEQKVTGDGWSECAKRGLAVKPIKGDALMFYSLKPDGSNDPASLHGSCPTLKGDKWSATKWIHVAPIGGRH
;
_entity_poly.pdbx_strand_id   A,B,C
#
loop_
_chem_comp.id
_chem_comp.type
_chem_comp.name
_chem_comp.formula
CL non-polymer 'CHLORIDE ION' 'Cl -1'
#
# COMPACT_ATOMS: atom_id res chain seq x y z
N MET A 8 6.48 0.10 -18.58
CA MET A 8 6.54 -0.28 -17.14
C MET A 8 5.19 -0.66 -16.51
N VAL A 9 4.66 -1.79 -16.94
CA VAL A 9 3.48 -2.45 -16.33
C VAL A 9 3.79 -3.93 -16.00
N GLY A 10 2.93 -4.60 -15.25
CA GLY A 10 3.22 -5.95 -14.80
C GLY A 10 4.52 -6.04 -14.03
N PHE A 11 5.35 -7.03 -14.37
CA PHE A 11 6.51 -7.36 -13.55
C PHE A 11 7.81 -7.41 -14.30
N GLY A 12 7.79 -7.27 -15.61
CA GLY A 12 9.00 -7.49 -16.40
C GLY A 12 9.40 -8.95 -16.52
N GLU A 13 10.51 -9.19 -17.20
CA GLU A 13 11.08 -10.53 -17.48
C GLU A 13 11.46 -11.23 -16.17
N LEU A 14 11.33 -12.55 -16.14
CA LEU A 14 11.59 -13.29 -14.90
C LEU A 14 13.05 -13.43 -14.49
N LYS A 15 13.98 -13.57 -15.45
CA LYS A 15 15.43 -13.32 -15.20
C LYS A 15 15.71 -12.00 -14.43
N GLU A 16 16.81 -11.88 -13.67
CA GLU A 16 17.48 -12.96 -12.97
C GLU A 16 17.04 -12.64 -11.54
N GLU A 17 15.83 -13.07 -11.18
CA GLU A 17 15.13 -12.57 -9.97
C GLU A 17 16.02 -12.68 -8.75
N TRP A 18 15.89 -11.69 -7.87
CA TRP A 18 16.69 -11.58 -6.65
C TRP A 18 16.33 -12.62 -5.58
N ARG A 19 17.32 -13.35 -5.08
CA ARG A 19 17.09 -14.45 -4.17
C ARG A 19 17.93 -14.31 -2.90
N GLY A 20 18.10 -13.08 -2.42
CA GLY A 20 18.96 -12.81 -1.24
C GLY A 20 18.28 -13.10 0.08
N GLU A 21 18.97 -12.81 1.19
CA GLU A 21 18.43 -13.07 2.51
C GLU A 21 17.36 -12.04 2.86
N VAL A 22 16.27 -12.54 3.42
CA VAL A 22 15.19 -11.67 3.86
C VAL A 22 15.04 -11.83 5.32
N VAL A 23 15.21 -10.73 6.07
CA VAL A 23 15.09 -10.76 7.53
C VAL A 23 13.79 -10.04 7.94
N HIS A 24 12.94 -10.76 8.68
CA HIS A 24 11.64 -10.26 9.12
C HIS A 24 11.90 -9.48 10.38
N LEU A 25 11.67 -8.18 10.35
CA LEU A 25 12.11 -7.33 11.45
C LEU A 25 11.05 -7.11 12.50
N SER A 26 9.79 -7.15 12.10
CA SER A 26 8.77 -6.56 12.92
C SER A 26 7.42 -6.92 12.36
N TRP A 27 6.45 -7.04 13.26
CA TRP A 27 5.07 -7.34 12.92
C TRP A 27 4.28 -6.05 12.88
N SER A 28 4.59 -5.14 13.79
CA SER A 28 3.92 -3.86 13.81
C SER A 28 5.03 -2.84 13.90
N PRO A 29 5.37 -2.17 12.78
CA PRO A 29 4.70 -2.33 11.50
C PRO A 29 5.14 -3.63 10.85
N ARG A 30 4.68 -3.91 9.63
CA ARG A 30 5.18 -5.09 8.96
C ARG A 30 6.42 -4.70 8.15
N ALA A 31 7.61 -5.08 8.63
CA ALA A 31 8.82 -4.65 7.98
C ALA A 31 9.79 -5.77 7.77
N PHE A 32 10.39 -5.74 6.59
CA PHE A 32 11.47 -6.67 6.26
C PHE A 32 12.73 -5.92 5.92
N LEU A 33 13.86 -6.52 6.29
CA LEU A 33 15.12 -6.06 5.73
C LEU A 33 15.55 -7.06 4.66
N LEU A 34 15.80 -6.54 3.46
CA LEU A 34 16.32 -7.36 2.36
C LEU A 34 17.84 -7.14 2.22
N LYS A 35 18.63 -8.14 2.65
CA LYS A 35 20.09 -8.04 2.57
C LYS A 35 20.49 -8.05 1.12
N ASN A 36 21.48 -7.23 0.76
CA ASN A 36 21.94 -7.13 -0.62
C ASN A 36 20.88 -7.06 -1.70
N PHE A 37 19.84 -6.29 -1.47
CA PHE A 37 18.88 -6.10 -2.51
C PHE A 37 19.49 -5.45 -3.79
N LEU A 38 20.41 -4.50 -3.63
CA LEU A 38 21.12 -3.93 -4.77
C LEU A 38 22.57 -4.30 -4.70
N SER A 39 23.20 -4.30 -5.85
CA SER A 39 24.62 -4.54 -5.95
C SER A 39 25.32 -3.21 -5.69
N ASP A 40 26.59 -3.27 -5.30
CA ASP A 40 27.39 -2.08 -5.05
C ASP A 40 27.42 -1.21 -6.30
N GLU A 41 27.58 -1.84 -7.47
CA GLU A 41 27.59 -1.15 -8.76
C GLU A 41 26.31 -0.36 -8.95
N GLU A 42 25.18 -1.02 -8.70
CA GLU A 42 23.91 -0.37 -8.80
C GLU A 42 23.82 0.85 -7.89
N CYS A 43 24.24 0.70 -6.64
CA CYS A 43 24.23 1.81 -5.70
C CYS A 43 25.02 3.00 -6.25
N ASP A 44 26.25 2.73 -6.67
CA ASP A 44 27.10 3.77 -7.21
C ASP A 44 26.48 4.40 -8.46
N TYR A 45 25.96 3.55 -9.35
CA TYR A 45 25.35 4.07 -10.56
C TYR A 45 24.31 5.11 -10.16
N ILE A 46 23.39 4.76 -9.25
CA ILE A 46 22.34 5.68 -8.83
C ILE A 46 22.90 6.98 -8.26
N VAL A 47 23.81 6.89 -7.29
CA VAL A 47 24.43 8.11 -6.76
C VAL A 47 25.03 9.01 -7.87
N GLU A 48 25.86 8.42 -8.76
CA GLU A 48 26.50 9.20 -9.84
C GLU A 48 25.48 9.86 -10.76
N LYS A 49 24.39 9.15 -11.06
CA LYS A 49 23.35 9.73 -11.88
C LYS A 49 22.55 10.79 -11.14
N ALA A 50 22.38 10.60 -9.84
CA ALA A 50 21.62 11.53 -9.04
C ALA A 50 22.39 12.84 -8.81
N ARG A 51 23.71 12.73 -8.68
CA ARG A 51 24.46 13.86 -8.12
C ARG A 51 24.31 15.17 -8.88
N PRO A 52 24.48 15.14 -10.22
CA PRO A 52 24.42 16.41 -10.95
C PRO A 52 23.00 17.03 -10.96
N LYS A 53 22.01 16.27 -10.48
CA LYS A 53 20.61 16.67 -10.49
C LYS A 53 20.07 17.09 -9.09
N MET A 54 20.88 16.92 -8.04
CA MET A 54 20.42 17.22 -6.67
C MET A 54 20.12 18.70 -6.44
N VAL A 55 19.02 18.94 -5.70
CA VAL A 55 18.67 20.27 -5.10
C VAL A 55 18.27 20.20 -3.60
N LYS A 56 18.60 21.28 -2.86
CA LYS A 56 18.38 21.35 -1.40
C LYS A 56 16.92 21.39 -0.90
N ARG A 73 12.81 17.73 8.11
CA ARG A 73 13.90 17.46 7.14
C ARG A 73 14.67 18.69 6.59
N THR A 74 15.98 18.50 6.37
CA THR A 74 16.82 19.25 5.41
C THR A 74 17.84 18.26 4.84
N SER A 75 17.78 18.12 3.52
CA SER A 75 18.70 17.33 2.71
C SER A 75 18.42 17.75 1.28
N THR A 76 19.00 17.05 0.33
CA THR A 76 18.78 17.42 -1.05
C THR A 76 18.21 16.21 -1.74
N GLY A 77 17.39 16.40 -2.76
CA GLY A 77 16.80 15.26 -3.42
C GLY A 77 16.57 15.45 -4.90
N THR A 78 16.24 14.35 -5.54
CA THR A 78 15.89 14.37 -6.93
C THR A 78 15.05 13.15 -7.19
N TRP A 79 14.43 13.09 -8.36
CA TRP A 79 13.60 11.97 -8.75
C TRP A 79 14.09 11.34 -10.05
N PHE A 80 13.85 10.05 -10.21
CA PHE A 80 13.92 9.44 -11.52
C PHE A 80 12.54 8.99 -11.88
N ALA A 81 12.05 9.38 -13.05
CA ALA A 81 10.74 8.89 -13.50
C ALA A 81 10.79 7.37 -13.56
N LYS A 82 9.71 6.71 -13.16
CA LYS A 82 9.61 5.25 -13.27
C LYS A 82 10.00 4.81 -14.67
N GLY A 83 11.06 4.00 -14.82
CA GLY A 83 11.40 3.44 -16.13
C GLY A 83 12.25 4.33 -16.98
N GLU A 84 12.68 5.44 -16.43
CA GLU A 84 13.52 6.43 -17.14
C GLU A 84 14.86 5.90 -17.62
N ASP A 85 15.39 4.89 -16.98
CA ASP A 85 16.78 4.56 -17.10
C ASP A 85 16.87 3.05 -17.02
N SER A 86 17.63 2.44 -17.93
CA SER A 86 17.59 0.98 -18.02
C SER A 86 18.22 0.25 -16.83
N VAL A 87 19.31 0.79 -16.29
CA VAL A 87 19.88 0.28 -15.04
C VAL A 87 18.83 0.34 -13.92
N ILE A 88 18.25 1.50 -13.64
CA ILE A 88 17.23 1.58 -12.58
C ILE A 88 15.96 0.75 -12.89
N SER A 89 15.65 0.59 -14.17
CA SER A 89 14.42 -0.11 -14.54
C SER A 89 14.48 -1.56 -14.10
N LYS A 90 15.68 -2.11 -14.15
CA LYS A 90 15.91 -3.46 -13.79
C LYS A 90 15.63 -3.62 -12.28
N ILE A 91 16.09 -2.67 -11.49
CA ILE A 91 15.81 -2.62 -10.07
C ILE A 91 14.32 -2.42 -9.87
N GLU A 92 13.70 -1.60 -10.69
CA GLU A 92 12.27 -1.37 -10.47
C GLU A 92 11.48 -2.67 -10.66
N LYS A 93 11.88 -3.46 -11.65
CA LYS A 93 11.24 -4.73 -11.90
C LYS A 93 11.51 -5.68 -10.73
N ARG A 94 12.74 -5.62 -10.18
CA ARG A 94 13.11 -6.43 -9.03
C ARG A 94 12.15 -6.12 -7.88
N VAL A 95 11.93 -4.83 -7.62
CA VAL A 95 11.04 -4.41 -6.55
C VAL A 95 9.62 -4.94 -6.79
N ALA A 96 9.19 -4.89 -8.05
CA ALA A 96 7.83 -5.26 -8.35
C ALA A 96 7.65 -6.73 -8.00
N GLN A 97 8.68 -7.53 -8.31
CA GLN A 97 8.62 -8.98 -8.17
C GLN A 97 8.78 -9.44 -6.72
N VAL A 98 9.67 -8.79 -5.98
CA VAL A 98 9.76 -9.17 -4.60
C VAL A 98 8.48 -8.76 -3.81
N THR A 99 7.87 -7.62 -4.09
CA THR A 99 6.69 -7.24 -3.35
C THR A 99 5.43 -7.91 -3.86
N MET A 100 5.54 -8.54 -5.05
CA MET A 100 4.38 -9.02 -5.84
C MET A 100 3.37 -7.94 -6.22
N ILE A 101 3.79 -6.70 -6.40
CA ILE A 101 2.80 -5.69 -6.77
C ILE A 101 3.18 -5.09 -8.12
N PRO A 102 2.23 -5.08 -9.08
CA PRO A 102 2.56 -4.70 -10.45
C PRO A 102 3.07 -3.28 -10.53
N LEU A 103 3.86 -3.02 -11.57
CA LEU A 103 4.55 -1.77 -11.75
C LEU A 103 3.61 -0.56 -11.93
N GLU A 104 2.38 -0.81 -12.39
CA GLU A 104 1.48 0.32 -12.59
C GLU A 104 1.18 1.00 -11.26
N ASN A 105 1.30 0.26 -10.17
CA ASN A 105 1.10 0.81 -8.82
C ASN A 105 2.27 1.61 -8.22
N HIS A 106 3.40 1.65 -8.93
CA HIS A 106 4.68 2.23 -8.44
C HIS A 106 4.92 3.67 -8.90
N GLU A 107 5.53 4.44 -8.02
CA GLU A 107 6.09 5.73 -8.37
C GLU A 107 7.53 5.45 -8.83
N GLY A 108 8.18 6.50 -9.35
CA GLY A 108 9.58 6.45 -9.72
C GLY A 108 10.49 6.21 -8.52
N LEU A 109 11.73 6.65 -8.66
CA LEU A 109 12.69 6.51 -7.60
C LEU A 109 13.07 7.90 -7.10
N GLN A 110 12.88 8.12 -5.79
CA GLN A 110 13.30 9.36 -5.18
C GLN A 110 14.63 9.10 -4.50
N VAL A 111 15.60 9.96 -4.76
CA VAL A 111 16.92 9.80 -4.16
C VAL A 111 17.17 11.01 -3.29
N LEU A 112 17.51 10.71 -2.03
CA LEU A 112 17.88 11.74 -1.05
C LEU A 112 19.32 11.58 -0.66
N HIS A 113 19.98 12.70 -0.35
CA HIS A 113 21.33 12.70 0.20
C HIS A 113 21.33 13.49 1.51
N TYR A 114 21.89 12.90 2.56
CA TYR A 114 22.05 13.53 3.90
C TYR A 114 23.51 13.64 4.34
N HIS A 115 23.85 14.71 5.05
CA HIS A 115 25.17 14.80 5.73
C HIS A 115 25.18 15.83 6.85
N ASP A 116 26.03 15.64 7.87
CA ASP A 116 26.31 16.69 8.87
C ASP A 116 25.14 17.11 9.76
N GLY A 117 24.56 16.17 10.49
CA GLY A 117 23.38 16.47 11.31
C GLY A 117 22.04 16.30 10.58
N GLN A 118 22.04 16.36 9.25
CA GLN A 118 20.81 16.29 8.45
C GLN A 118 20.00 15.01 8.70
N LYS A 119 18.69 15.12 8.57
CA LYS A 119 17.76 14.13 9.09
C LYS A 119 16.37 14.37 8.54
N TYR A 120 15.40 13.64 9.06
CA TYR A 120 14.02 13.71 8.66
C TYR A 120 13.27 13.30 9.91
N GLU A 121 12.51 14.24 10.51
CA GLU A 121 11.68 13.90 11.69
C GLU A 121 10.70 12.76 11.41
N PRO A 122 10.35 11.98 12.46
CA PRO A 122 9.57 10.80 12.21
C PRO A 122 8.24 11.22 11.61
N HIS A 123 7.84 10.57 10.51
CA HIS A 123 6.60 10.90 9.81
C HIS A 123 5.91 9.66 9.24
N TYR A 124 4.76 9.87 8.56
CA TYR A 124 4.04 8.82 7.81
C TYR A 124 4.14 9.04 6.30
N ASP A 125 4.06 7.96 5.53
CA ASP A 125 4.04 8.01 4.04
C ASP A 125 2.62 8.18 3.48
N TYR A 126 1.63 7.74 4.25
CA TYR A 126 0.25 7.84 3.84
C TYR A 126 -0.33 9.23 4.15
N PHE A 127 -1.41 9.61 3.46
CA PHE A 127 -2.26 10.72 3.90
C PHE A 127 -2.87 10.46 5.30
N HIS A 128 -2.61 11.34 6.26
CA HIS A 128 -3.06 11.09 7.64
C HIS A 128 -4.54 11.37 7.80
N ASP A 129 -5.18 11.22 6.64
CA ASP A 129 -6.62 11.11 6.40
C ASP A 129 -6.83 10.43 5.02
N PRO A 130 -7.35 9.18 5.01
CA PRO A 130 -7.27 8.36 3.77
C PRO A 130 -8.15 8.79 2.58
N VAL A 131 -9.15 9.64 2.83
CA VAL A 131 -9.99 10.13 1.74
C VAL A 131 -9.21 11.10 0.83
N ASN A 132 -7.95 11.33 1.15
CA ASN A 132 -7.16 12.31 0.43
C ASN A 132 -6.33 11.70 -0.69
N ALA A 133 -6.27 10.38 -0.72
CA ALA A 133 -5.58 9.71 -1.79
C ALA A 133 -6.64 9.23 -2.75
N GLY A 134 -6.69 9.84 -3.94
CA GLY A 134 -7.70 9.51 -4.94
C GLY A 134 -7.33 8.42 -5.94
N PRO A 135 -8.23 8.12 -6.90
CA PRO A 135 -8.00 7.01 -7.82
C PRO A 135 -6.80 7.26 -8.70
N GLU A 136 -6.58 8.52 -9.11
CA GLU A 136 -5.46 8.86 -10.00
C GLU A 136 -4.12 8.68 -9.35
N HIS A 137 -4.04 8.85 -8.04
CA HIS A 137 -2.78 8.57 -7.37
C HIS A 137 -2.56 7.11 -7.06
N GLY A 138 -3.61 6.30 -7.28
CA GLY A 138 -3.53 4.88 -7.04
C GLY A 138 -3.90 4.54 -5.62
N GLY A 139 -4.66 5.43 -4.99
CA GLY A 139 -5.05 5.23 -3.60
C GLY A 139 -3.86 5.39 -2.68
N GLN A 140 -4.02 4.92 -1.45
CA GLN A 140 -3.01 5.06 -0.42
C GLN A 140 -1.73 4.37 -0.83
N ARG A 141 -0.58 4.90 -0.36
CA ARG A 141 0.71 4.18 -0.41
C ARG A 141 0.67 2.96 0.49
N VAL A 142 1.01 1.81 -0.02
CA VAL A 142 0.91 0.66 0.81
C VAL A 142 2.28 0.17 1.22
N VAL A 143 3.24 0.20 0.29
CA VAL A 143 4.60 -0.29 0.61
C VAL A 143 5.66 0.75 0.33
N THR A 144 6.56 0.97 1.28
CA THR A 144 7.76 1.79 1.06
C THR A 144 8.94 0.86 1.06
N MET A 145 9.82 1.03 0.10
CA MET A 145 11.04 0.23 0.02
C MET A 145 12.13 1.28 0.04
N LEU A 146 12.90 1.30 1.13
CA LEU A 146 14.03 2.22 1.33
C LEU A 146 15.26 1.51 0.97
N MET A 147 15.97 2.04 -0.02
CA MET A 147 17.20 1.43 -0.52
C MET A 147 18.43 2.22 -0.11
N TYR A 148 19.31 1.64 0.70
CA TYR A 148 20.50 2.36 1.17
C TYR A 148 21.61 2.33 0.15
N LEU A 149 21.98 3.47 -0.39
CA LEU A 149 22.98 3.47 -1.47
C LEU A 149 24.43 3.60 -0.96
N THR A 150 24.60 4.00 0.32
CA THR A 150 25.93 4.03 0.96
C THR A 150 25.88 3.46 2.38
N THR A 151 27.02 3.03 2.92
CA THR A 151 27.05 2.62 4.34
C THR A 151 27.47 3.85 5.09
N VAL A 152 26.70 4.18 6.11
CA VAL A 152 26.93 5.39 6.88
C VAL A 152 27.40 5.03 8.24
N GLU A 153 28.16 5.87 8.91
CA GLU A 153 29.59 5.79 9.04
C GLU A 153 29.36 6.03 10.56
N GLU A 154 28.77 7.18 10.91
CA GLU A 154 28.06 7.31 12.19
C GLU A 154 26.63 7.86 12.11
N GLY A 155 25.77 7.41 13.03
CA GLY A 155 24.33 7.71 13.01
C GLY A 155 23.65 7.39 11.68
N GLY A 156 22.54 8.05 11.38
CA GLY A 156 21.86 7.88 10.12
C GLY A 156 20.84 6.76 10.05
N GLU A 157 20.64 6.05 11.15
CA GLU A 157 19.67 4.95 11.16
C GLU A 157 18.29 5.43 10.71
N THR A 158 17.56 4.55 10.02
CA THR A 158 16.15 4.75 9.79
C THR A 158 15.51 4.34 11.10
N VAL A 159 14.65 5.19 11.64
CA VAL A 159 13.97 4.89 12.91
C VAL A 159 12.47 4.82 12.75
N LEU A 160 11.85 3.87 13.44
CA LEU A 160 10.41 3.74 13.42
C LEU A 160 9.86 3.75 14.83
N PRO A 161 9.63 4.96 15.41
CA PRO A 161 9.35 5.17 16.83
C PRO A 161 8.20 4.32 17.39
N ASN A 162 7.12 4.19 16.61
CA ASN A 162 5.91 3.49 17.04
C ASN A 162 6.00 1.95 16.98
N ALA A 163 7.12 1.43 16.52
CA ALA A 163 7.30 -0.01 16.39
C ALA A 163 7.18 -0.66 17.73
N GLU A 164 6.74 -1.92 17.72
CA GLU A 164 6.55 -2.73 18.92
C GLU A 164 7.79 -2.79 19.75
N GLN A 165 8.90 -3.10 19.09
CA GLN A 165 10.17 -3.32 19.78
C GLN A 165 11.23 -2.37 19.34
N LYS A 166 12.00 -1.89 20.30
CA LYS A 166 12.97 -0.86 20.03
C LYS A 166 14.34 -1.49 20.13
N VAL A 167 15.34 -0.94 19.46
CA VAL A 167 16.73 -1.42 19.58
C VAL A 167 17.35 -0.92 20.90
N THR A 168 18.46 -1.52 21.38
CA THR A 168 19.20 -0.97 22.56
C THR A 168 20.72 -1.32 22.69
N GLY A 169 21.25 -2.08 21.72
CA GLY A 169 22.66 -2.57 21.81
C GLY A 169 23.71 -1.69 21.15
N TRP A 172 24.35 2.01 17.67
CA TRP A 172 23.03 2.59 17.94
C TRP A 172 23.04 3.98 18.59
N SER A 173 22.69 5.00 17.78
CA SER A 173 22.58 6.38 18.30
C SER A 173 21.36 6.53 19.21
N GLU A 174 21.41 7.48 20.13
CA GLU A 174 20.28 7.79 20.98
C GLU A 174 18.99 7.91 20.15
N CYS A 175 19.09 8.64 19.05
CA CYS A 175 18.00 8.78 18.10
C CYS A 175 17.38 7.43 17.78
N ALA A 176 18.24 6.48 17.42
CA ALA A 176 17.78 5.15 17.00
C ALA A 176 17.09 4.39 18.12
N LYS A 177 17.53 4.60 19.37
CA LYS A 177 16.94 3.89 20.50
C LYS A 177 15.50 4.32 20.80
N ARG A 178 14.98 5.23 19.99
CA ARG A 178 13.60 5.67 20.13
C ARG A 178 12.57 4.78 19.46
N GLY A 179 13.03 3.90 18.57
CA GLY A 179 12.16 2.87 17.99
C GLY A 179 12.93 1.64 17.55
N LEU A 180 12.35 0.90 16.60
CA LEU A 180 13.11 -0.06 15.82
C LEU A 180 13.96 0.76 14.84
N ALA A 181 15.24 0.43 14.76
CA ALA A 181 16.09 1.08 13.77
C ALA A 181 16.76 0.11 12.80
N VAL A 182 17.14 0.61 11.64
CA VAL A 182 17.90 -0.19 10.70
C VAL A 182 19.11 0.62 10.36
N LYS A 183 20.29 0.01 10.36
CA LYS A 183 21.53 0.68 9.95
C LYS A 183 21.61 0.76 8.42
N PRO A 184 21.88 1.97 7.88
CA PRO A 184 22.12 2.06 6.42
C PRO A 184 23.45 1.41 5.97
N ILE A 185 23.33 0.16 5.52
CA ILE A 185 24.42 -0.56 4.92
C ILE A 185 24.22 -0.59 3.39
N LYS A 186 25.23 -0.20 2.63
CA LYS A 186 25.17 -0.22 1.16
C LYS A 186 24.59 -1.51 0.57
N GLY A 187 23.48 -1.35 -0.16
CA GLY A 187 22.84 -2.43 -0.93
C GLY A 187 21.67 -3.11 -0.23
N ASP A 188 21.51 -2.85 1.06
CA ASP A 188 20.41 -3.39 1.81
C ASP A 188 19.16 -2.59 1.49
N ALA A 189 18.00 -3.22 1.61
CA ALA A 189 16.79 -2.42 1.49
C ALA A 189 15.83 -2.66 2.67
N LEU A 190 15.20 -1.60 3.17
CA LEU A 190 14.15 -1.75 4.15
C LEU A 190 12.81 -1.72 3.45
N MET A 191 11.96 -2.69 3.73
CA MET A 191 10.64 -2.71 3.15
C MET A 191 9.60 -2.80 4.24
N PHE A 192 8.66 -1.87 4.24
CA PHE A 192 7.60 -1.91 5.24
C PHE A 192 6.23 -1.46 4.74
N TYR A 193 5.22 -2.03 5.37
CA TYR A 193 3.84 -1.74 5.03
C TYR A 193 3.34 -0.56 5.80
N SER A 194 2.68 0.37 5.13
CA SER A 194 2.13 1.49 5.86
C SER A 194 0.64 1.41 6.00
N LEU A 195 0.03 0.43 5.35
CA LEU A 195 -1.37 0.09 5.62
C LEU A 195 -1.45 -1.23 6.30
N LYS A 196 -2.53 -1.37 7.05
CA LYS A 196 -2.86 -2.64 7.68
C LYS A 196 -3.44 -3.56 6.60
N PRO A 197 -3.54 -4.89 6.88
CA PRO A 197 -4.17 -5.75 5.87
C PRO A 197 -5.54 -5.25 5.38
N ASP A 198 -6.40 -4.76 6.27
CA ASP A 198 -7.71 -4.24 5.82
C ASP A 198 -7.65 -2.94 5.06
N GLY A 199 -6.46 -2.36 4.88
CA GLY A 199 -6.31 -1.12 4.12
C GLY A 199 -6.35 0.18 4.91
N SER A 200 -6.65 0.13 6.21
CA SER A 200 -6.53 1.27 7.12
C SER A 200 -5.04 1.66 7.43
N ASN A 201 -4.83 2.91 7.87
CA ASN A 201 -3.50 3.46 8.12
C ASN A 201 -2.87 2.70 9.24
N ASP A 202 -1.59 2.38 9.11
CA ASP A 202 -0.92 1.79 10.23
C ASP A 202 -0.01 2.81 10.86
N PRO A 203 -0.43 3.41 12.00
CA PRO A 203 0.39 4.44 12.57
C PRO A 203 1.71 3.90 13.08
N ALA A 204 1.88 2.58 13.04
CA ALA A 204 3.15 1.98 13.41
C ALA A 204 4.20 2.17 12.34
N SER A 205 3.82 2.64 11.16
CA SER A 205 4.79 2.77 10.09
C SER A 205 5.44 4.14 10.08
N LEU A 206 5.09 4.98 11.06
CA LEU A 206 5.73 6.27 11.24
C LEU A 206 7.22 6.02 11.23
N HIS A 207 7.96 6.83 10.48
CA HIS A 207 9.42 6.62 10.34
C HIS A 207 10.21 7.90 9.99
N GLY A 208 11.43 7.94 10.47
CA GLY A 208 12.30 9.10 10.27
C GLY A 208 13.71 8.64 9.96
N SER A 209 14.57 9.62 9.62
CA SER A 209 15.98 9.37 9.37
C SER A 209 16.83 10.08 10.44
N CYS A 210 17.52 9.30 11.25
CA CYS A 210 18.33 9.82 12.34
C CYS A 210 19.47 10.72 11.84
N PRO A 211 19.86 11.73 12.64
CA PRO A 211 20.98 12.55 12.19
C PRO A 211 22.15 11.70 11.73
N THR A 212 22.75 12.07 10.61
CA THR A 212 23.93 11.43 10.13
C THR A 212 25.22 12.19 10.38
N LEU A 213 26.25 11.64 11.00
CA LEU A 213 26.76 12.10 12.27
C LEU A 213 28.17 12.23 11.64
N LYS A 214 28.51 11.21 10.84
CA LYS A 214 29.58 11.14 9.82
C LYS A 214 29.11 10.07 8.80
N GLY A 215 29.35 10.15 7.50
CA GLY A 215 29.61 11.31 6.70
C GLY A 215 28.52 11.34 5.62
N ASP A 216 28.27 10.26 4.87
CA ASP A 216 27.23 10.39 3.81
C ASP A 216 26.07 9.37 3.62
N LYS A 217 24.84 9.82 3.85
CA LYS A 217 23.68 8.95 3.63
C LYS A 217 23.02 9.25 2.33
N TRP A 218 23.10 8.29 1.42
CA TRP A 218 22.35 8.35 0.19
C TRP A 218 21.32 7.25 0.23
N SER A 219 20.07 7.61 0.02
CA SER A 219 19.07 6.58 0.04
C SER A 219 18.17 6.80 -1.13
N ALA A 220 17.58 5.71 -1.60
CA ALA A 220 16.54 5.80 -2.61
C ALA A 220 15.23 5.16 -2.13
N THR A 221 14.15 5.89 -2.34
CA THR A 221 12.86 5.43 -1.85
C THR A 221 11.94 5.01 -2.98
N LYS A 222 11.34 3.83 -2.86
CA LYS A 222 10.35 3.35 -3.80
C LYS A 222 8.99 3.22 -3.10
N TRP A 223 8.02 4.03 -3.51
CA TRP A 223 6.66 3.97 -2.96
C TRP A 223 5.70 3.23 -3.90
N ILE A 224 4.90 2.34 -3.33
CA ILE A 224 3.97 1.54 -4.11
C ILE A 224 2.55 1.74 -3.56
N HIS A 225 1.60 1.93 -4.46
CA HIS A 225 0.22 2.24 -4.13
C HIS A 225 -0.69 1.02 -4.22
N VAL A 226 -1.86 1.11 -3.57
CA VAL A 226 -2.79 -0.03 -3.54
C VAL A 226 -3.41 -0.29 -4.91
N ALA A 227 -3.56 0.74 -5.72
CA ALA A 227 -4.19 0.61 -7.02
C ALA A 227 -3.25 1.26 -8.05
N PRO A 228 -3.49 1.05 -9.36
CA PRO A 228 -2.62 1.72 -10.35
C PRO A 228 -2.68 3.25 -10.36
N ILE A 229 -1.56 3.89 -10.67
CA ILE A 229 -1.47 5.36 -10.74
C ILE A 229 -1.92 5.83 -12.10
N GLY A 230 -2.32 7.09 -12.30
CA GLY A 230 -2.83 7.51 -13.61
C GLY A 230 -4.30 7.10 -13.76
N GLY A 231 -4.75 6.28 -12.78
CA GLY A 231 -6.18 5.92 -12.64
C GLY A 231 -6.47 4.45 -12.39
N MET B 8 -18.25 -13.22 5.14
CA MET B 8 -16.81 -13.50 4.96
C MET B 8 -16.29 -12.79 3.70
N VAL B 9 -16.07 -11.49 3.86
CA VAL B 9 -15.37 -10.67 2.89
C VAL B 9 -14.39 -9.79 3.67
N GLY B 10 -13.45 -9.15 2.96
CA GLY B 10 -12.47 -8.30 3.61
C GLY B 10 -11.59 -9.17 4.48
N PHE B 11 -11.35 -8.71 5.71
CA PHE B 11 -10.35 -9.33 6.59
C PHE B 11 -10.86 -9.59 7.98
N GLY B 12 -12.12 -9.25 8.25
CA GLY B 12 -12.64 -9.25 9.62
C GLY B 12 -11.99 -8.20 10.55
N GLU B 13 -12.53 -8.14 11.77
CA GLU B 13 -12.09 -7.31 12.91
C GLU B 13 -10.69 -7.80 13.33
N LEU B 14 -9.70 -6.90 13.35
CA LEU B 14 -8.28 -7.27 13.38
C LEU B 14 -7.74 -7.94 14.68
N GLU B 17 -5.19 -11.11 14.85
CA GLU B 17 -3.88 -10.48 15.12
C GLU B 17 -2.77 -11.43 15.61
N TRP B 18 -2.36 -12.34 14.72
CA TRP B 18 -1.30 -13.35 15.00
C TRP B 18 0.09 -12.77 14.78
N ARG B 19 0.99 -13.04 15.72
CA ARG B 19 2.31 -12.42 15.66
C ARG B 19 3.40 -13.41 16.06
N GLY B 20 3.29 -14.64 15.57
CA GLY B 20 4.34 -15.62 15.81
C GLY B 20 5.52 -15.53 14.86
N GLU B 21 6.38 -16.53 14.94
CA GLU B 21 7.62 -16.55 14.19
C GLU B 21 7.37 -16.97 12.75
N VAL B 22 7.97 -16.24 11.82
CA VAL B 22 7.81 -16.61 10.43
C VAL B 22 9.15 -16.99 9.93
N VAL B 23 9.27 -18.22 9.45
CA VAL B 23 10.53 -18.71 8.91
C VAL B 23 10.47 -18.78 7.39
N HIS B 24 11.36 -18.04 6.70
CA HIS B 24 11.41 -18.03 5.22
C HIS B 24 12.17 -19.26 4.74
N LEU B 25 11.47 -20.16 4.03
CA LEU B 25 11.95 -21.51 3.75
C LEU B 25 12.65 -21.64 2.42
N SER B 26 12.22 -20.83 1.46
CA SER B 26 12.55 -21.07 0.09
C SER B 26 12.16 -19.91 -0.79
N TRP B 27 12.95 -19.70 -1.83
CA TRP B 27 12.59 -18.71 -2.86
C TRP B 27 11.85 -19.32 -4.04
N SER B 28 12.21 -20.56 -4.36
CA SER B 28 11.56 -21.32 -5.40
C SER B 28 11.27 -22.69 -4.81
N PRO B 29 10.03 -22.92 -4.39
CA PRO B 29 8.92 -21.98 -4.57
C PRO B 29 9.02 -20.88 -3.49
N ARG B 30 8.08 -19.96 -3.42
CA ARG B 30 8.16 -18.99 -2.35
C ARG B 30 7.36 -19.55 -1.19
N ALA B 31 8.06 -19.98 -0.15
CA ALA B 31 7.41 -20.71 0.92
C ALA B 31 7.81 -20.16 2.29
N PHE B 32 6.83 -20.12 3.19
CA PHE B 32 7.14 -19.77 4.57
C PHE B 32 6.63 -20.85 5.46
N LEU B 33 7.31 -21.06 6.57
CA LEU B 33 6.70 -21.81 7.67
C LEU B 33 6.25 -20.80 8.72
N LEU B 34 4.99 -20.89 9.13
CA LEU B 34 4.50 -20.04 10.23
C LEU B 34 4.42 -20.84 11.55
N LYS B 35 5.37 -20.63 12.47
CA LYS B 35 5.41 -21.37 13.73
C LYS B 35 4.20 -21.00 14.58
N ASN B 36 3.51 -22.01 15.15
CA ASN B 36 2.31 -21.76 15.96
C ASN B 36 1.25 -20.88 15.35
N PHE B 37 0.97 -21.10 14.08
CA PHE B 37 -0.10 -20.38 13.45
C PHE B 37 -1.43 -20.64 14.15
N LEU B 38 -1.70 -21.91 14.50
CA LEU B 38 -2.84 -22.29 15.30
C LEU B 38 -2.46 -22.70 16.73
N SER B 39 -3.41 -22.50 17.64
CA SER B 39 -3.28 -23.00 19.00
C SER B 39 -3.58 -24.50 19.01
N ASP B 40 -3.03 -25.21 20.00
CA ASP B 40 -3.34 -26.59 20.20
C ASP B 40 -4.84 -26.85 20.30
N GLU B 41 -5.57 -26.00 21.04
CA GLU B 41 -7.04 -26.06 21.18
C GLU B 41 -7.72 -26.00 19.82
N GLU B 42 -7.27 -25.06 18.98
CA GLU B 42 -7.82 -24.93 17.64
C GLU B 42 -7.59 -26.20 16.82
N CYS B 43 -6.39 -26.78 16.91
CA CYS B 43 -6.10 -27.98 16.14
C CYS B 43 -6.99 -29.12 16.51
N ASP B 44 -7.12 -29.34 17.83
CA ASP B 44 -8.06 -30.30 18.40
C ASP B 44 -9.52 -30.00 18.02
N TYR B 45 -9.94 -28.75 18.13
CA TYR B 45 -11.31 -28.41 17.78
C TYR B 45 -11.59 -28.92 16.35
N ILE B 46 -10.67 -28.62 15.43
CA ILE B 46 -10.87 -28.96 14.03
C ILE B 46 -10.95 -30.47 13.83
N VAL B 47 -10.03 -31.22 14.41
CA VAL B 47 -10.08 -32.67 14.31
C VAL B 47 -11.39 -33.25 14.84
N GLU B 48 -11.81 -32.84 16.05
CA GLU B 48 -13.06 -33.33 16.65
C GLU B 48 -14.27 -33.00 15.80
N LYS B 49 -14.29 -31.80 15.22
CA LYS B 49 -15.38 -31.43 14.35
C LYS B 49 -15.32 -32.17 13.04
N ALA B 50 -14.12 -32.40 12.51
CA ALA B 50 -13.97 -33.12 11.25
C ALA B 50 -14.33 -34.60 11.33
N ARG B 51 -14.03 -35.22 12.47
CA ARG B 51 -14.02 -36.67 12.53
C ARG B 51 -15.36 -37.35 12.17
N PRO B 52 -16.48 -36.88 12.76
CA PRO B 52 -17.75 -37.57 12.46
C PRO B 52 -18.20 -37.30 11.02
N LYS B 53 -17.51 -36.40 10.35
CA LYS B 53 -17.79 -36.10 8.97
C LYS B 53 -16.81 -36.72 7.94
N MET B 54 -15.76 -37.41 8.38
CA MET B 54 -14.80 -37.99 7.42
C MET B 54 -15.46 -39.05 6.51
N VAL B 55 -15.18 -38.94 5.19
CA VAL B 55 -15.48 -40.00 4.17
C VAL B 55 -14.18 -40.43 3.38
N LYS B 56 -14.05 -41.74 3.14
CA LYS B 56 -12.83 -42.39 2.56
C LYS B 56 -12.63 -42.08 1.07
N SER B 57 -11.46 -41.55 0.71
CA SER B 57 -11.17 -41.20 -0.70
C SER B 57 -9.84 -41.76 -1.25
N SER B 75 -6.07 -41.88 2.13
CA SER B 75 -6.50 -40.72 2.92
C SER B 75 -8.04 -40.42 2.87
N THR B 76 -8.62 -39.92 3.97
CA THR B 76 -10.05 -39.56 4.03
C THR B 76 -10.15 -38.05 4.24
N GLY B 77 -11.18 -37.41 3.68
CA GLY B 77 -11.32 -35.97 3.86
C GLY B 77 -12.71 -35.43 4.14
N THR B 78 -12.75 -34.15 4.44
CA THR B 78 -14.00 -33.44 4.50
C THR B 78 -13.73 -31.96 4.29
N TRP B 79 -14.82 -31.21 4.15
CA TRP B 79 -14.73 -29.75 4.00
C TRP B 79 -15.56 -29.02 5.03
N PHE B 80 -15.07 -27.84 5.42
CA PHE B 80 -15.91 -26.86 6.08
C PHE B 80 -16.11 -25.68 5.15
N ALA B 81 -17.37 -25.36 4.90
CA ALA B 81 -17.69 -24.16 4.13
C ALA B 81 -17.03 -22.94 4.80
N LYS B 82 -16.46 -22.07 3.98
CA LYS B 82 -15.88 -20.82 4.43
C LYS B 82 -16.87 -20.11 5.36
N GLY B 83 -16.46 -19.82 6.59
CA GLY B 83 -17.32 -19.10 7.52
C GLY B 83 -18.38 -19.93 8.24
N GLU B 84 -18.40 -21.23 8.01
CA GLU B 84 -19.42 -22.14 8.57
C GLU B 84 -19.46 -22.19 10.12
N ASP B 85 -18.36 -21.86 10.75
CA ASP B 85 -18.11 -22.26 12.12
C ASP B 85 -17.32 -21.13 12.75
N SER B 86 -17.77 -20.63 13.89
CA SER B 86 -17.16 -19.41 14.42
C SER B 86 -15.70 -19.61 14.89
N VAL B 87 -15.40 -20.73 15.55
CA VAL B 87 -13.99 -21.07 15.85
C VAL B 87 -13.16 -21.04 14.58
N ILE B 88 -13.51 -21.81 13.56
CA ILE B 88 -12.73 -21.80 12.30
C ILE B 88 -12.70 -20.41 11.58
N SER B 89 -13.80 -19.67 11.64
CA SER B 89 -13.84 -18.39 10.97
C SER B 89 -12.76 -17.45 11.46
N LYS B 90 -12.44 -17.60 12.74
CA LYS B 90 -11.46 -16.75 13.37
C LYS B 90 -10.10 -17.04 12.75
N ILE B 91 -9.80 -18.32 12.53
CA ILE B 91 -8.60 -18.76 11.83
C ILE B 91 -8.70 -18.33 10.36
N GLU B 92 -9.90 -18.31 9.80
CA GLU B 92 -9.99 -17.91 8.40
C GLU B 92 -9.59 -16.46 8.23
N LYS B 93 -10.06 -15.62 9.15
CA LYS B 93 -9.68 -14.22 9.22
C LYS B 93 -8.20 -14.07 9.45
N ARG B 94 -7.62 -14.92 10.30
CA ARG B 94 -6.19 -14.90 10.59
C ARG B 94 -5.43 -15.12 9.32
N VAL B 95 -5.82 -16.13 8.55
CA VAL B 95 -5.15 -16.42 7.29
C VAL B 95 -5.25 -15.23 6.33
N ALA B 96 -6.41 -14.58 6.30
CA ALA B 96 -6.64 -13.51 5.36
C ALA B 96 -5.68 -12.37 5.65
N GLN B 97 -5.44 -12.18 6.92
CA GLN B 97 -4.65 -11.05 7.39
C GLN B 97 -3.19 -11.28 7.24
N VAL B 98 -2.75 -12.51 7.48
CA VAL B 98 -1.34 -12.82 7.32
C VAL B 98 -0.95 -12.77 5.83
N THR B 99 -1.76 -13.34 4.93
CA THR B 99 -1.45 -13.34 3.50
C THR B 99 -1.73 -12.01 2.84
N MET B 100 -2.49 -11.14 3.50
CA MET B 100 -3.04 -9.89 2.93
C MET B 100 -3.95 -10.13 1.73
N ILE B 101 -4.67 -11.23 1.67
CA ILE B 101 -5.58 -11.37 0.54
C ILE B 101 -6.97 -11.51 1.09
N PRO B 102 -7.92 -10.70 0.59
CA PRO B 102 -9.29 -10.66 1.11
C PRO B 102 -10.00 -12.01 1.08
N LEU B 103 -10.94 -12.18 2.00
CA LEU B 103 -11.62 -13.46 2.19
C LEU B 103 -12.47 -13.94 0.99
N GLU B 104 -12.90 -12.99 0.14
CA GLU B 104 -13.70 -13.34 -1.04
C GLU B 104 -12.89 -14.16 -2.00
N ASN B 105 -11.57 -14.19 -1.82
CA ASN B 105 -10.69 -14.99 -2.67
C ASN B 105 -10.40 -16.38 -2.14
N HIS B 106 -10.89 -16.66 -0.92
CA HIS B 106 -10.61 -17.93 -0.23
C HIS B 106 -11.73 -18.97 -0.41
N GLU B 107 -11.29 -20.24 -0.48
CA GLU B 107 -12.18 -21.36 -0.35
C GLU B 107 -12.36 -21.68 1.15
N GLY B 108 -13.22 -22.65 1.45
CA GLY B 108 -13.38 -23.17 2.80
C GLY B 108 -12.13 -23.89 3.29
N LEU B 109 -12.31 -24.74 4.31
CA LEU B 109 -11.19 -25.41 4.91
C LEU B 109 -11.36 -26.86 4.58
N GLN B 110 -10.33 -27.45 3.97
CA GLN B 110 -10.38 -28.86 3.64
C GLN B 110 -9.62 -29.56 4.74
N VAL B 111 -10.19 -30.62 5.30
CA VAL B 111 -9.48 -31.41 6.31
C VAL B 111 -9.21 -32.83 5.84
N LEU B 112 -7.94 -33.24 5.92
CA LEU B 112 -7.51 -34.56 5.49
C LEU B 112 -6.95 -35.30 6.69
N HIS B 113 -7.14 -36.62 6.70
CA HIS B 113 -6.56 -37.51 7.69
C HIS B 113 -5.84 -38.64 6.95
N TYR B 114 -4.58 -38.86 7.32
CA TYR B 114 -3.76 -39.94 6.76
C TYR B 114 -3.43 -41.01 7.84
N TYR B 120 0.36 -40.03 -0.06
CA TYR B 120 -0.37 -39.15 -0.99
C TYR B 120 0.54 -38.33 -1.92
N GLU B 121 0.62 -38.79 -3.17
CA GLU B 121 1.64 -38.38 -4.17
C GLU B 121 1.78 -36.91 -4.61
N PRO B 122 3.02 -36.50 -4.99
CA PRO B 122 3.40 -35.18 -5.51
C PRO B 122 2.50 -34.59 -6.64
N HIS B 123 1.95 -33.38 -6.42
CA HIS B 123 1.02 -32.72 -7.38
C HIS B 123 1.08 -31.16 -7.33
N TYR B 124 0.52 -30.46 -8.33
CA TYR B 124 0.32 -28.99 -8.27
C TYR B 124 -1.08 -28.67 -7.74
N ASP B 125 -1.29 -27.45 -7.27
CA ASP B 125 -2.63 -27.02 -6.82
C ASP B 125 -3.32 -26.26 -7.92
N TYR B 126 -2.49 -25.69 -8.79
CA TYR B 126 -2.97 -24.96 -9.95
C TYR B 126 -3.27 -25.88 -11.14
N PHE B 127 -4.23 -25.49 -11.96
CA PHE B 127 -4.50 -26.15 -13.23
C PHE B 127 -3.25 -26.11 -14.11
N HIS B 128 -2.65 -27.30 -14.33
CA HIS B 128 -1.51 -27.50 -15.25
C HIS B 128 -1.62 -26.52 -16.41
N ASP B 129 -2.85 -26.28 -16.88
CA ASP B 129 -3.18 -25.29 -17.93
C ASP B 129 -3.99 -24.12 -17.30
N PRO B 130 -3.42 -22.87 -17.29
CA PRO B 130 -4.10 -21.75 -16.60
C PRO B 130 -5.41 -21.22 -17.24
N VAL B 131 -5.70 -21.54 -18.49
CA VAL B 131 -6.97 -21.14 -19.09
C VAL B 131 -8.15 -21.97 -18.55
N ASN B 132 -7.85 -22.88 -17.65
CA ASN B 132 -8.88 -23.73 -17.09
C ASN B 132 -9.48 -23.22 -15.81
N ALA B 133 -8.87 -22.21 -15.22
CA ALA B 133 -9.46 -21.54 -14.07
C ALA B 133 -10.16 -20.27 -14.56
N GLY B 134 -11.49 -20.22 -14.44
CA GLY B 134 -12.26 -19.07 -14.92
C GLY B 134 -12.53 -18.03 -13.85
N PRO B 135 -13.30 -17.00 -14.21
CA PRO B 135 -13.62 -15.93 -13.30
C PRO B 135 -14.39 -16.41 -12.07
N GLU B 136 -15.33 -17.36 -12.23
CA GLU B 136 -16.19 -17.77 -11.13
C GLU B 136 -15.42 -18.54 -10.10
N HIS B 137 -14.33 -19.17 -10.50
CA HIS B 137 -13.51 -19.80 -9.49
C HIS B 137 -12.54 -18.86 -8.84
N GLY B 138 -12.47 -17.63 -9.35
CA GLY B 138 -11.54 -16.63 -8.84
C GLY B 138 -10.17 -16.76 -9.47
N GLY B 139 -10.14 -17.28 -10.70
CA GLY B 139 -8.89 -17.55 -11.41
C GLY B 139 -8.01 -18.58 -10.69
N GLN B 140 -6.73 -18.59 -11.04
CA GLN B 140 -5.78 -19.56 -10.51
C GLN B 140 -5.69 -19.51 -8.97
N ARG B 141 -5.38 -20.65 -8.35
CA ARG B 141 -4.97 -20.65 -6.95
C ARG B 141 -3.58 -20.00 -6.82
N VAL B 142 -3.43 -19.12 -5.85
CA VAL B 142 -2.17 -18.42 -5.77
C VAL B 142 -1.47 -18.85 -4.51
N VAL B 143 -2.20 -18.93 -3.40
CA VAL B 143 -1.55 -19.32 -2.17
C VAL B 143 -2.17 -20.60 -1.58
N THR B 144 -1.33 -21.52 -1.08
CA THR B 144 -1.81 -22.66 -0.27
C THR B 144 -1.27 -22.50 1.13
N MET B 145 -2.16 -22.58 2.10
CA MET B 145 -1.75 -22.60 3.50
C MET B 145 -2.08 -24.01 4.06
N LEU B 146 -1.05 -24.76 4.41
CA LEU B 146 -1.23 -26.07 4.96
C LEU B 146 -1.04 -26.02 6.46
N MET B 147 -2.12 -26.35 7.16
CA MET B 147 -2.15 -26.31 8.61
C MET B 147 -2.05 -27.68 9.26
N TYR B 148 -0.96 -27.96 9.98
CA TYR B 148 -0.79 -29.28 10.60
C TYR B 148 -1.58 -29.36 11.89
N LEU B 149 -2.53 -30.27 11.97
CA LEU B 149 -3.36 -30.37 13.14
C LEU B 149 -2.84 -31.38 14.18
N THR B 150 -1.91 -32.25 13.81
CA THR B 150 -1.24 -33.15 14.78
C THR B 150 0.26 -33.22 14.53
N THR B 151 1.06 -33.59 15.54
CA THR B 151 2.47 -33.80 15.28
C THR B 151 2.68 -35.22 14.81
N VAL B 152 3.49 -35.43 13.78
CA VAL B 152 3.68 -36.78 13.25
C VAL B 152 5.13 -37.18 13.46
N GLU B 153 5.35 -38.28 14.18
CA GLU B 153 6.68 -38.61 14.73
C GLU B 153 7.74 -38.88 13.67
N GLU B 154 7.46 -39.85 12.79
CA GLU B 154 8.35 -40.22 11.67
C GLU B 154 7.48 -40.48 10.44
N GLY B 155 7.90 -39.94 9.31
CA GLY B 155 7.08 -39.95 8.12
C GLY B 155 6.19 -38.73 8.10
N GLY B 156 5.20 -38.73 7.21
CA GLY B 156 4.28 -37.61 7.03
C GLY B 156 4.79 -36.21 6.67
N GLU B 157 6.05 -36.05 6.28
CA GLU B 157 6.51 -34.72 5.85
C GLU B 157 5.75 -34.25 4.59
N THR B 158 5.45 -32.95 4.51
CA THR B 158 5.08 -32.36 3.21
C THR B 158 6.34 -32.27 2.38
N VAL B 159 6.29 -32.78 1.17
CA VAL B 159 7.47 -32.69 0.29
C VAL B 159 7.28 -31.83 -0.99
N LEU B 160 8.29 -31.06 -1.36
CA LEU B 160 8.18 -30.24 -2.56
C LEU B 160 9.37 -30.55 -3.44
N PRO B 161 9.27 -31.62 -4.27
CA PRO B 161 10.35 -32.19 -5.06
C PRO B 161 11.10 -31.18 -5.92
N ASN B 162 10.37 -30.26 -6.54
CA ASN B 162 10.98 -29.28 -7.42
C ASN B 162 11.67 -28.11 -6.73
N ALA B 163 11.54 -27.98 -5.42
CA ALA B 163 12.20 -26.89 -4.70
C ALA B 163 13.70 -26.85 -5.02
N GLU B 164 14.27 -25.64 -4.94
CA GLU B 164 15.70 -25.40 -5.13
C GLU B 164 16.57 -26.26 -4.27
N GLN B 165 16.28 -26.26 -2.97
CA GLN B 165 17.11 -26.95 -2.01
C GLN B 165 16.34 -28.06 -1.36
N LYS B 166 16.99 -29.20 -1.20
CA LYS B 166 16.38 -30.35 -0.58
C LYS B 166 16.94 -30.52 0.82
N VAL B 167 16.13 -31.11 1.71
CA VAL B 167 16.57 -31.44 3.06
C VAL B 167 17.52 -32.61 3.08
N THR B 168 18.16 -32.79 4.23
CA THR B 168 19.40 -33.49 4.30
C THR B 168 19.49 -33.99 5.77
N GLY B 169 18.80 -35.12 6.02
CA GLY B 169 18.47 -35.70 7.37
C GLY B 169 19.71 -36.02 8.14
N ASP B 170 19.65 -36.43 9.42
CA ASP B 170 18.62 -37.24 10.08
C ASP B 170 17.33 -36.54 10.37
N GLY B 171 16.40 -37.28 10.96
CA GLY B 171 15.06 -36.80 11.26
C GLY B 171 14.20 -36.51 10.05
N TRP B 172 14.63 -36.96 8.87
CA TRP B 172 13.82 -36.87 7.63
C TRP B 172 13.70 -38.23 6.96
N SER B 173 12.55 -38.51 6.34
CA SER B 173 12.39 -39.76 5.60
C SER B 173 13.03 -39.69 4.22
N GLU B 174 13.36 -40.85 3.65
CA GLU B 174 13.87 -40.93 2.29
C GLU B 174 12.96 -40.11 1.37
N CYS B 175 11.66 -40.35 1.50
CA CYS B 175 10.63 -39.58 0.82
C CYS B 175 10.91 -38.08 0.93
N ALA B 176 11.08 -37.59 2.15
CA ALA B 176 11.34 -36.19 2.38
C ALA B 176 12.62 -35.68 1.69
N LYS B 177 13.67 -36.49 1.64
CA LYS B 177 14.94 -36.07 1.03
C LYS B 177 14.87 -35.80 -0.47
N ARG B 178 13.67 -35.96 -1.03
CA ARG B 178 13.43 -35.79 -2.46
C ARG B 178 13.17 -34.36 -2.87
N GLY B 179 12.88 -33.53 -1.88
CA GLY B 179 12.73 -32.08 -2.10
C GLY B 179 12.97 -31.28 -0.83
N LEU B 180 12.41 -30.08 -0.78
CA LEU B 180 12.32 -29.39 0.48
C LEU B 180 11.17 -30.07 1.23
N ALA B 181 11.29 -30.18 2.53
CA ALA B 181 10.24 -30.76 3.30
C ALA B 181 9.95 -29.96 4.56
N VAL B 182 8.75 -30.12 5.05
CA VAL B 182 8.37 -29.57 6.34
C VAL B 182 7.86 -30.71 7.25
N LYS B 183 8.30 -30.74 8.51
CA LYS B 183 7.75 -31.73 9.44
C LYS B 183 6.35 -31.30 9.94
N PRO B 184 5.40 -32.24 9.94
CA PRO B 184 4.13 -31.85 10.54
C PRO B 184 4.23 -31.75 12.07
N ILE B 185 4.39 -30.52 12.56
CA ILE B 185 4.29 -30.24 14.00
C ILE B 185 2.95 -29.51 14.30
N LYS B 186 2.21 -30.04 15.28
CA LYS B 186 0.94 -29.44 15.71
C LYS B 186 0.96 -27.91 15.80
N GLY B 187 0.13 -27.24 15.01
CA GLY B 187 -0.11 -25.79 15.13
C GLY B 187 0.69 -24.94 14.16
N ASP B 188 1.73 -25.51 13.54
CA ASP B 188 2.50 -24.85 12.49
C ASP B 188 1.69 -24.82 11.22
N ALA B 189 1.95 -23.85 10.37
CA ALA B 189 1.36 -23.85 9.04
C ALA B 189 2.43 -23.62 7.94
N LEU B 190 2.35 -24.43 6.87
CA LEU B 190 3.15 -24.15 5.68
C LEU B 190 2.34 -23.25 4.73
N MET B 191 2.97 -22.17 4.28
CA MET B 191 2.35 -21.32 3.31
C MET B 191 3.27 -21.19 2.11
N PHE B 192 2.73 -21.49 0.94
CA PHE B 192 3.51 -21.30 -0.26
C PHE B 192 2.72 -20.78 -1.44
N TYR B 193 3.47 -20.15 -2.36
CA TYR B 193 2.93 -19.59 -3.58
C TYR B 193 2.96 -20.61 -4.71
N SER B 194 1.87 -20.76 -5.41
CA SER B 194 1.90 -21.64 -6.55
C SER B 194 1.94 -20.90 -7.88
N LEU B 195 1.75 -19.58 -7.82
CA LEU B 195 2.01 -18.73 -9.00
C LEU B 195 3.26 -17.89 -8.83
N LYS B 196 3.92 -17.61 -9.95
CA LYS B 196 5.02 -16.68 -9.94
C LYS B 196 4.46 -15.25 -9.82
N PRO B 197 5.31 -14.26 -9.49
CA PRO B 197 4.75 -12.92 -9.35
C PRO B 197 3.95 -12.43 -10.57
N ASP B 198 4.38 -12.77 -11.79
CA ASP B 198 3.63 -12.38 -12.99
C ASP B 198 2.32 -13.14 -13.15
N GLY B 199 2.04 -14.12 -12.30
CA GLY B 199 0.83 -14.88 -12.41
C GLY B 199 0.93 -16.19 -13.15
N SER B 200 2.04 -16.47 -13.83
CA SER B 200 2.26 -17.80 -14.44
C SER B 200 2.47 -18.92 -13.39
N ASN B 201 2.22 -20.17 -13.78
CA ASN B 201 2.38 -21.34 -12.90
C ASN B 201 3.79 -21.49 -12.42
N ASP B 202 3.98 -21.75 -11.14
CA ASP B 202 5.30 -22.07 -10.66
C ASP B 202 5.40 -23.58 -10.44
N PRO B 203 6.05 -24.31 -11.38
CA PRO B 203 6.13 -25.74 -11.25
C PRO B 203 6.97 -26.15 -10.04
N ALA B 204 7.58 -25.18 -9.35
CA ALA B 204 8.34 -25.49 -8.15
C ALA B 204 7.41 -25.72 -6.95
N SER B 205 6.12 -25.41 -7.09
CA SER B 205 5.17 -25.54 -5.99
C SER B 205 4.48 -26.89 -5.94
N LEU B 206 4.85 -27.75 -6.90
CA LEU B 206 4.51 -29.16 -6.84
C LEU B 206 4.83 -29.66 -5.47
N HIS B 207 3.84 -30.28 -4.85
CA HIS B 207 4.01 -30.83 -3.52
C HIS B 207 3.18 -32.10 -3.25
N GLY B 208 3.70 -32.96 -2.36
CA GLY B 208 2.96 -34.14 -1.91
C GLY B 208 3.14 -34.40 -0.43
N SER B 209 2.50 -35.46 0.05
CA SER B 209 2.56 -35.87 1.45
C SER B 209 3.26 -37.21 1.59
N CYS B 210 4.39 -37.22 2.27
CA CYS B 210 5.16 -38.43 2.51
C CYS B 210 4.40 -39.50 3.33
N PRO B 211 4.67 -40.80 3.06
CA PRO B 211 3.96 -41.82 3.82
C PRO B 211 4.11 -41.56 5.31
N THR B 212 3.03 -41.71 6.05
CA THR B 212 3.04 -41.51 7.50
C THR B 212 3.42 -42.84 8.13
N LEU B 213 4.67 -42.93 8.58
CA LEU B 213 5.31 -44.19 9.05
C LEU B 213 4.91 -44.61 10.45
N LYS B 214 4.67 -43.63 11.32
CA LYS B 214 4.13 -43.84 12.66
C LYS B 214 3.54 -42.52 13.11
N GLY B 215 2.41 -42.62 13.80
CA GLY B 215 1.64 -41.44 14.13
C GLY B 215 0.37 -41.37 13.30
N ASP B 216 -0.31 -40.24 13.39
CA ASP B 216 -1.59 -40.10 12.82
C ASP B 216 -1.62 -38.68 12.26
N LYS B 217 -1.60 -38.53 10.94
CA LYS B 217 -1.58 -37.18 10.35
C LYS B 217 -2.93 -36.58 10.03
N TRP B 218 -3.20 -35.42 10.60
CA TRP B 218 -4.35 -34.58 10.23
C TRP B 218 -3.89 -33.22 9.75
N SER B 219 -4.37 -32.82 8.57
CA SER B 219 -4.01 -31.51 8.08
C SER B 219 -5.24 -30.79 7.56
N ALA B 220 -5.18 -29.47 7.60
CA ALA B 220 -6.19 -28.63 7.03
C ALA B 220 -5.56 -27.71 5.99
N THR B 221 -6.16 -27.67 4.82
CA THR B 221 -5.64 -26.87 3.73
C THR B 221 -6.54 -25.68 3.41
N LYS B 222 -5.95 -24.51 3.29
CA LYS B 222 -6.62 -23.28 2.86
C LYS B 222 -6.06 -22.83 1.50
N TRP B 223 -6.88 -22.87 0.44
CA TRP B 223 -6.52 -22.37 -0.89
C TRP B 223 -7.09 -20.96 -1.13
N ILE B 224 -6.25 -20.07 -1.64
CA ILE B 224 -6.65 -18.71 -1.91
C ILE B 224 -6.37 -18.45 -3.36
N HIS B 225 -7.29 -17.74 -4.00
CA HIS B 225 -7.26 -17.52 -5.42
C HIS B 225 -6.82 -16.07 -5.75
N VAL B 226 -6.48 -15.79 -7.01
CA VAL B 226 -6.01 -14.45 -7.40
C VAL B 226 -7.11 -13.37 -7.42
N ALA B 227 -8.37 -13.81 -7.59
CA ALA B 227 -9.49 -12.89 -7.74
C ALA B 227 -10.60 -13.47 -6.87
N PRO B 228 -11.69 -12.73 -6.63
CA PRO B 228 -12.81 -13.29 -5.86
C PRO B 228 -13.46 -14.53 -6.49
N ILE B 229 -14.02 -15.39 -5.67
CA ILE B 229 -14.75 -16.57 -6.13
C ILE B 229 -16.22 -16.18 -6.35
N GLY B 230 -16.94 -16.77 -7.32
CA GLY B 230 -18.34 -16.38 -7.58
C GLY B 230 -18.57 -15.48 -8.82
N MET C 8 -9.55 11.80 -21.45
CA MET C 8 -9.37 13.07 -20.67
C MET C 8 -7.91 13.61 -20.73
N VAL C 9 -7.55 14.11 -21.90
CA VAL C 9 -6.31 14.87 -22.09
C VAL C 9 -6.64 16.19 -22.77
N GLY C 10 -5.71 17.15 -22.80
CA GLY C 10 -5.97 18.45 -23.46
C GLY C 10 -7.05 19.19 -22.70
N PHE C 11 -7.99 19.78 -23.45
CA PHE C 11 -9.01 20.67 -22.86
C PHE C 11 -10.44 20.30 -23.24
N GLY C 12 -10.61 19.27 -24.07
CA GLY C 12 -11.91 18.93 -24.66
C GLY C 12 -12.35 19.91 -25.74
N TRP C 18 -17.40 28.63 -20.28
CA TRP C 18 -17.94 29.39 -19.14
C TRP C 18 -17.49 30.85 -19.18
N ARG C 19 -18.41 31.74 -18.96
CA ARG C 19 -18.06 33.13 -19.04
C ARG C 19 -18.65 33.95 -17.92
N GLY C 20 -18.64 33.42 -16.71
CA GLY C 20 -19.21 34.12 -15.55
C GLY C 20 -18.28 35.15 -14.94
N GLU C 21 -18.70 35.71 -13.82
CA GLU C 21 -17.94 36.75 -13.16
C GLU C 21 -16.74 36.14 -12.46
N VAL C 22 -15.60 36.78 -12.57
CA VAL C 22 -14.42 36.36 -11.85
C VAL C 22 -14.01 37.47 -10.89
N VAL C 23 -14.03 37.15 -9.60
CA VAL C 23 -13.62 38.09 -8.55
C VAL C 23 -12.22 37.74 -8.03
N HIS C 24 -11.30 38.70 -8.09
CA HIS C 24 -9.93 38.50 -7.62
C HIS C 24 -9.95 38.73 -6.13
N LEU C 25 -9.63 37.71 -5.33
CA LEU C 25 -9.82 37.82 -3.90
C LEU C 25 -8.60 38.25 -3.13
N SER C 26 -7.43 37.85 -3.63
CA SER C 26 -6.24 37.93 -2.83
C SER C 26 -5.00 37.78 -3.67
N TRP C 27 -3.93 38.47 -3.26
CA TRP C 27 -2.67 38.28 -3.93
C TRP C 27 -1.84 37.17 -3.27
N SER C 28 -1.92 37.10 -1.95
CA SER C 28 -1.23 36.10 -1.16
C SER C 28 -2.25 35.51 -0.21
N PRO C 29 -2.79 34.33 -0.54
CA PRO C 29 -2.39 33.53 -1.71
C PRO C 29 -3.03 34.09 -2.99
N ARG C 30 -2.81 33.43 -4.12
CA ARG C 30 -3.41 33.94 -5.32
C ARG C 30 -4.73 33.23 -5.46
N ALA C 31 -5.81 33.95 -5.19
CA ALA C 31 -7.12 33.32 -5.12
C ALA C 31 -8.16 34.10 -5.92
N PHE C 32 -8.96 33.35 -6.68
CA PHE C 32 -10.11 33.93 -7.32
C PHE C 32 -11.37 33.22 -6.89
N LEU C 33 -12.43 33.99 -6.86
CA LEU C 33 -13.74 33.42 -6.71
C LEU C 33 -14.38 33.44 -8.08
N LEU C 34 -14.88 32.30 -8.54
CA LEU C 34 -15.62 32.27 -9.80
C LEU C 34 -17.11 32.15 -9.52
N LYS C 35 -17.86 33.23 -9.78
CA LYS C 35 -19.30 33.27 -9.51
C LYS C 35 -19.98 32.37 -10.50
N ASN C 36 -20.96 31.58 -10.04
CA ASN C 36 -21.69 30.63 -10.89
C ASN C 36 -20.86 29.73 -11.80
N PHE C 37 -19.81 29.16 -11.26
CA PHE C 37 -19.00 28.24 -12.03
C PHE C 37 -19.79 26.99 -12.45
N LEU C 38 -20.64 26.50 -11.55
CA LEU C 38 -21.54 25.40 -11.85
C LEU C 38 -22.99 25.84 -11.76
N SER C 39 -23.83 25.22 -12.58
CA SER C 39 -25.25 25.46 -12.55
C SER C 39 -25.82 24.75 -11.33
N ASP C 40 -27.00 25.19 -10.88
CA ASP C 40 -27.67 24.53 -9.77
C ASP C 40 -27.88 23.03 -10.03
N GLU C 41 -28.31 22.70 -11.26
CA GLU C 41 -28.52 21.31 -11.72
C GLU C 41 -27.25 20.49 -11.53
N GLU C 42 -26.12 21.05 -11.96
CA GLU C 42 -24.85 20.36 -11.82
C GLU C 42 -24.53 20.05 -10.36
N CYS C 43 -24.71 21.03 -9.48
CA CYS C 43 -24.48 20.85 -8.05
C CYS C 43 -25.31 19.73 -7.46
N ASP C 44 -26.62 19.76 -7.74
CA ASP C 44 -27.54 18.69 -7.34
C ASP C 44 -27.17 17.35 -7.96
N TYR C 45 -26.81 17.34 -9.25
CA TYR C 45 -26.40 16.09 -9.88
C TYR C 45 -25.27 15.46 -9.08
N ILE C 46 -24.27 16.28 -8.73
CA ILE C 46 -23.11 15.75 -8.02
C ILE C 46 -23.51 15.15 -6.69
N VAL C 47 -24.25 15.93 -5.88
CA VAL C 47 -24.70 15.46 -4.57
C VAL C 47 -25.44 14.15 -4.68
N GLU C 48 -26.41 14.08 -5.60
CA GLU C 48 -27.21 12.87 -5.77
C GLU C 48 -26.33 11.70 -6.13
N LYS C 49 -25.37 11.90 -7.02
CA LYS C 49 -24.46 10.82 -7.37
C LYS C 49 -23.50 10.46 -6.26
N ALA C 50 -23.07 11.46 -5.49
CA ALA C 50 -22.15 11.22 -4.39
C ALA C 50 -22.76 10.50 -3.19
N ARG C 51 -24.04 10.76 -2.94
CA ARG C 51 -24.64 10.35 -1.68
C ARG C 51 -24.61 8.85 -1.39
N PRO C 52 -25.02 7.99 -2.37
CA PRO C 52 -25.05 6.54 -2.06
C PRO C 52 -23.65 5.94 -1.87
N LYS C 53 -22.64 6.73 -2.19
CA LYS C 53 -21.26 6.29 -2.14
C LYS C 53 -20.49 6.85 -0.95
N MET C 54 -21.08 7.77 -0.19
CA MET C 54 -20.36 8.41 0.92
C MET C 54 -19.95 7.38 1.96
N THR C 74 -14.64 15.90 11.41
CA THR C 74 -14.94 14.71 10.63
C THR C 74 -15.98 15.05 9.56
N SER C 75 -15.71 14.53 8.37
CA SER C 75 -16.58 14.64 7.21
C SER C 75 -16.82 13.22 6.72
N THR C 76 -17.55 13.11 5.61
CA THR C 76 -17.60 11.87 4.85
C THR C 76 -17.23 12.28 3.44
N GLY C 77 -16.59 11.38 2.70
CA GLY C 77 -16.18 11.72 1.37
C GLY C 77 -16.26 10.59 0.38
N THR C 78 -16.00 10.93 -0.86
CA THR C 78 -15.97 9.98 -1.94
C THR C 78 -15.28 10.61 -3.12
N TRP C 79 -14.87 9.79 -4.08
CA TRP C 79 -14.20 10.28 -5.26
C TRP C 79 -14.94 9.93 -6.54
N PHE C 80 -14.80 10.77 -7.54
CA PHE C 80 -15.17 10.36 -8.89
C PHE C 80 -13.91 10.38 -9.71
N ALA C 81 -13.57 9.21 -10.30
CA ALA C 81 -12.43 9.08 -11.21
C ALA C 81 -12.53 10.09 -12.33
N LYS C 82 -11.45 10.81 -12.58
CA LYS C 82 -11.41 11.79 -13.66
C LYS C 82 -12.09 11.20 -14.92
N GLY C 83 -13.10 11.88 -15.43
CA GLY C 83 -13.79 11.46 -16.64
C GLY C 83 -14.80 10.33 -16.50
N GLU C 84 -15.08 9.93 -15.27
CA GLU C 84 -15.94 8.78 -15.00
C GLU C 84 -17.37 8.96 -15.50
N ASP C 85 -17.80 10.20 -15.58
CA ASP C 85 -19.21 10.53 -15.66
C ASP C 85 -19.36 11.71 -16.62
N SER C 86 -20.29 11.61 -17.57
CA SER C 86 -20.29 12.59 -18.64
C SER C 86 -20.71 13.97 -18.18
N VAL C 87 -21.70 14.05 -17.28
CA VAL C 87 -22.08 15.32 -16.63
C VAL C 87 -20.87 15.96 -15.92
N ILE C 88 -20.17 15.22 -15.06
CA ILE C 88 -18.97 15.73 -14.41
C ILE C 88 -17.81 16.02 -15.38
N SER C 89 -17.68 15.22 -16.43
CA SER C 89 -16.58 15.44 -17.37
C SER C 89 -16.66 16.83 -17.95
N LYS C 90 -17.89 17.27 -18.17
CA LYS C 90 -18.11 18.52 -18.83
C LYS C 90 -17.56 19.61 -17.92
N ILE C 91 -17.78 19.44 -16.61
CA ILE C 91 -17.28 20.39 -15.60
C ILE C 91 -15.76 20.26 -15.54
N GLU C 92 -15.27 19.04 -15.74
CA GLU C 92 -13.85 18.83 -15.69
C GLU C 92 -13.16 19.57 -16.85
N LYS C 93 -13.78 19.52 -18.01
CA LYS C 93 -13.27 20.28 -19.13
C LYS C 93 -13.34 21.76 -18.88
N ARG C 94 -14.41 22.20 -18.21
CA ARG C 94 -14.58 23.61 -17.86
C ARG C 94 -13.42 24.07 -16.96
N VAL C 95 -13.04 23.21 -16.02
CA VAL C 95 -11.99 23.55 -15.09
C VAL C 95 -10.67 23.67 -15.82
N ALA C 96 -10.45 22.76 -16.75
CA ALA C 96 -9.17 22.72 -17.44
C ALA C 96 -9.00 24.00 -18.28
N GLN C 97 -10.11 24.47 -18.83
CA GLN C 97 -10.12 25.62 -19.72
C GLN C 97 -9.99 26.93 -18.98
N VAL C 98 -10.66 27.05 -17.84
CA VAL C 98 -10.56 28.27 -17.09
C VAL C 98 -9.15 28.41 -16.49
N THR C 99 -8.56 27.32 -16.00
CA THR C 99 -7.21 27.39 -15.40
C THR C 99 -6.08 27.36 -16.45
N MET C 100 -6.44 27.04 -17.70
CA MET C 100 -5.51 26.81 -18.81
C MET C 100 -4.51 25.71 -18.48
N ILE C 101 -4.87 24.73 -17.69
CA ILE C 101 -3.93 23.63 -17.45
C ILE C 101 -4.55 22.34 -18.00
N PRO C 102 -3.82 21.62 -18.84
CA PRO C 102 -4.39 20.43 -19.49
C PRO C 102 -4.85 19.33 -18.51
N LEU C 103 -5.86 18.56 -18.93
CA LEU C 103 -6.49 17.54 -18.08
C LEU C 103 -5.55 16.43 -17.56
N GLU C 104 -4.48 16.13 -18.28
CA GLU C 104 -3.54 15.10 -17.80
C GLU C 104 -2.93 15.52 -16.48
N ASN C 105 -2.89 16.81 -16.18
CA ASN C 105 -2.45 17.30 -14.87
C ASN C 105 -3.46 17.19 -13.71
N HIS C 106 -4.71 16.81 -14.00
CA HIS C 106 -5.81 16.85 -13.04
C HIS C 106 -6.08 15.52 -12.40
N GLU C 107 -6.42 15.58 -11.11
CA GLU C 107 -7.04 14.48 -10.41
C GLU C 107 -8.54 14.47 -10.69
N GLY C 108 -9.21 13.48 -10.10
CA GLY C 108 -10.64 13.32 -10.20
C GLY C 108 -11.33 14.40 -9.39
N LEU C 109 -12.58 14.11 -9.03
CA LEU C 109 -13.38 15.03 -8.22
C LEU C 109 -13.60 14.38 -6.89
N GLN C 110 -13.22 15.11 -5.85
CA GLN C 110 -13.38 14.62 -4.50
C GLN C 110 -14.57 15.36 -3.97
N VAL C 111 -15.54 14.62 -3.44
CA VAL C 111 -16.72 15.21 -2.84
C VAL C 111 -16.72 14.98 -1.35
N LEU C 112 -16.89 16.06 -0.60
CA LEU C 112 -16.98 16.00 0.86
C LEU C 112 -18.36 16.50 1.27
N HIS C 113 -18.88 15.94 2.37
CA HIS C 113 -20.10 16.41 3.02
C HIS C 113 -19.78 16.68 4.50
N TYR C 114 -20.14 17.86 5.00
CA TYR C 114 -19.76 18.27 6.35
C TYR C 114 -20.90 18.20 7.40
N HIS C 115 -20.55 18.07 8.69
CA HIS C 115 -21.53 18.12 9.81
C HIS C 115 -21.14 19.14 10.90
N PHE C 127 2.02 18.37 -0.05
CA PHE C 127 3.25 17.92 0.61
C PHE C 127 4.01 19.17 1.04
N HIS C 128 4.21 19.34 2.35
CA HIS C 128 4.93 20.53 2.79
C HIS C 128 6.47 20.34 2.75
N ASP C 129 6.92 19.17 2.25
CA ASP C 129 8.29 18.99 1.74
C ASP C 129 8.22 18.65 0.23
N PRO C 130 8.70 19.54 -0.66
CA PRO C 130 8.38 19.34 -2.09
C PRO C 130 9.07 18.17 -2.81
N VAL C 131 10.17 17.65 -2.27
CA VAL C 131 10.79 16.46 -2.84
C VAL C 131 9.88 15.22 -2.70
N ASN C 132 8.75 15.37 -2.03
CA ASN C 132 7.88 14.21 -1.83
C ASN C 132 6.85 14.00 -2.95
N ALA C 133 6.67 15.00 -3.80
CA ALA C 133 5.78 14.83 -4.93
C ALA C 133 6.65 14.46 -6.12
N GLY C 134 6.46 13.24 -6.65
CA GLY C 134 7.30 12.75 -7.76
C GLY C 134 6.69 12.92 -9.14
N PRO C 135 7.39 12.43 -10.18
CA PRO C 135 6.91 12.56 -11.55
C PRO C 135 5.59 11.84 -11.74
N GLU C 136 5.37 10.68 -11.15
CA GLU C 136 4.13 9.97 -11.43
C GLU C 136 2.89 10.66 -10.89
N HIS C 137 3.04 11.45 -9.83
CA HIS C 137 1.89 12.19 -9.31
C HIS C 137 1.74 13.52 -9.99
N GLY C 138 2.71 13.79 -10.87
CA GLY C 138 2.70 15.01 -11.66
C GLY C 138 3.28 16.17 -10.89
N GLY C 139 4.21 15.88 -10.00
CA GLY C 139 4.81 16.87 -9.13
C GLY C 139 3.82 17.53 -8.18
N GLN C 140 4.20 18.70 -7.67
CA GLN C 140 3.41 19.43 -6.70
C GLN C 140 2.00 19.74 -7.21
N ARG C 141 1.01 19.79 -6.30
CA ARG C 141 -0.29 20.39 -6.60
C ARG C 141 -0.10 21.87 -6.78
N VAL C 142 -0.65 22.41 -7.85
CA VAL C 142 -0.46 23.83 -8.07
C VAL C 142 -1.78 24.58 -7.83
N VAL C 143 -2.89 24.02 -8.28
CA VAL C 143 -4.17 24.74 -8.20
C VAL C 143 -5.20 23.89 -7.52
N THR C 144 -5.90 24.50 -6.57
CA THR C 144 -7.08 23.87 -5.97
C THR C 144 -8.27 24.66 -6.42
N MET C 145 -9.26 23.93 -6.94
CA MET C 145 -10.53 24.55 -7.26
C MET C 145 -11.56 23.91 -6.35
N LEU C 146 -12.13 24.73 -5.45
CA LEU C 146 -13.17 24.30 -4.51
C LEU C 146 -14.52 24.69 -5.02
N MET C 147 -15.36 23.67 -5.21
CA MET C 147 -16.69 23.89 -5.74
C MET C 147 -17.81 23.70 -4.68
N TYR C 148 -18.51 24.76 -4.37
CA TYR C 148 -19.59 24.70 -3.39
C TYR C 148 -20.88 24.13 -3.99
N LEU C 149 -21.27 22.94 -3.55
CA LEU C 149 -22.46 22.32 -4.12
C LEU C 149 -23.78 22.76 -3.43
N THR C 150 -23.67 23.29 -2.22
CA THR C 150 -24.83 23.83 -1.49
C THR C 150 -24.54 25.22 -0.86
N THR C 151 -25.58 25.99 -0.58
CA THR C 151 -25.36 27.23 0.18
C THR C 151 -25.44 26.94 1.68
N VAL C 152 -24.46 27.47 2.42
CA VAL C 152 -24.45 27.46 3.90
C VAL C 152 -24.74 28.89 4.36
N GLU C 153 -25.88 29.08 5.02
CA GLU C 153 -26.25 30.40 5.51
C GLU C 153 -25.22 30.90 6.54
N GLU C 154 -25.10 30.18 7.66
CA GLU C 154 -24.08 30.48 8.69
C GLU C 154 -22.98 29.40 8.86
N GLY C 155 -21.77 29.88 9.14
CA GLY C 155 -20.60 29.03 9.34
C GLY C 155 -20.15 28.48 8.01
N GLY C 156 -19.37 27.40 8.05
CA GLY C 156 -18.96 26.66 6.86
C GLY C 156 -18.09 27.41 5.86
N GLU C 157 -17.63 28.59 6.24
CA GLU C 157 -16.71 29.34 5.38
C GLU C 157 -15.43 28.53 5.14
N THR C 158 -14.95 28.55 3.92
CA THR C 158 -13.57 28.17 3.70
C THR C 158 -12.72 29.29 4.30
N VAL C 159 -11.70 28.93 5.09
CA VAL C 159 -10.79 29.92 5.69
C VAL C 159 -9.30 29.72 5.33
N LEU C 160 -8.59 30.81 5.11
CA LEU C 160 -7.18 30.74 4.72
C LEU C 160 -6.39 31.64 5.62
N PRO C 161 -6.04 31.15 6.83
CA PRO C 161 -5.47 31.92 7.95
C PRO C 161 -4.27 32.76 7.57
N ASN C 162 -3.43 32.24 6.69
CA ASN C 162 -2.22 32.92 6.32
C ASN C 162 -2.43 34.03 5.31
N ALA C 163 -3.65 34.20 4.82
CA ALA C 163 -3.89 35.23 3.83
C ALA C 163 -3.44 36.59 4.36
N GLU C 164 -3.02 37.47 3.45
CA GLU C 164 -2.69 38.87 3.74
C GLU C 164 -3.79 39.60 4.46
N GLN C 165 -5.01 39.52 3.94
CA GLN C 165 -6.14 40.26 4.52
C GLN C 165 -7.18 39.33 5.02
N LYS C 166 -7.71 39.65 6.19
CA LYS C 166 -8.72 38.85 6.83
C LYS C 166 -10.04 39.55 6.70
N VAL C 167 -11.12 38.78 6.69
CA VAL C 167 -12.45 39.36 6.65
C VAL C 167 -12.66 39.95 8.02
N THR C 168 -13.40 41.06 8.13
CA THR C 168 -13.73 41.67 9.43
C THR C 168 -15.21 42.11 9.50
N GLY C 169 -15.66 42.67 10.61
CA GLY C 169 -17.08 43.08 10.75
C GLY C 169 -18.08 41.93 10.76
N ASP C 170 -19.37 42.26 10.67
CA ASP C 170 -20.45 41.26 10.75
C ASP C 170 -20.39 40.25 9.63
N GLY C 171 -21.25 39.23 9.70
CA GLY C 171 -21.41 38.29 8.61
C GLY C 171 -20.26 37.31 8.42
N TRP C 172 -19.35 37.24 9.40
CA TRP C 172 -18.34 36.18 9.43
C TRP C 172 -18.37 35.45 10.76
N SER C 173 -18.33 34.11 10.73
CA SER C 173 -18.14 33.37 11.99
C SER C 173 -16.77 33.73 12.52
N GLU C 174 -16.62 33.61 13.84
CA GLU C 174 -15.34 33.85 14.50
C GLU C 174 -14.23 33.10 13.79
N CYS C 175 -14.51 31.83 13.52
CA CYS C 175 -13.66 30.98 12.74
C CYS C 175 -13.18 31.70 11.47
N ALA C 176 -14.13 32.19 10.67
CA ALA C 176 -13.84 32.89 9.42
C ALA C 176 -12.94 34.11 9.60
N LYS C 177 -13.13 34.84 10.70
CA LYS C 177 -12.37 36.07 10.95
C LYS C 177 -10.87 35.82 11.18
N ARG C 178 -10.47 34.56 11.11
CA ARG C 178 -9.07 34.17 11.32
C ARG C 178 -8.22 34.25 10.07
N GLY C 179 -8.87 34.37 8.90
CA GLY C 179 -8.14 34.59 7.65
C GLY C 179 -9.02 35.28 6.64
N LEU C 180 -8.67 35.15 5.38
CA LEU C 180 -9.59 35.43 4.31
C LEU C 180 -10.56 34.27 4.28
N ALA C 181 -11.83 34.56 4.12
CA ALA C 181 -12.83 33.51 4.07
C ALA C 181 -13.70 33.68 2.83
N VAL C 182 -14.34 32.59 2.40
CA VAL C 182 -15.29 32.65 1.32
C VAL C 182 -16.53 31.95 1.83
N LYS C 183 -17.70 32.54 1.63
CA LYS C 183 -18.96 31.87 1.96
C LYS C 183 -19.34 30.77 0.94
N PRO C 184 -19.69 29.56 1.41
CA PRO C 184 -20.17 28.57 0.45
C PRO C 184 -21.53 28.97 -0.11
N ILE C 185 -21.53 29.48 -1.34
CA ILE C 185 -22.78 29.74 -2.08
C ILE C 185 -22.93 28.75 -3.23
N LYS C 186 -24.07 28.08 -3.30
CA LYS C 186 -24.29 27.07 -4.35
C LYS C 186 -23.84 27.55 -5.74
N GLY C 187 -22.90 26.83 -6.34
CA GLY C 187 -22.50 27.05 -7.71
C GLY C 187 -21.20 27.81 -7.84
N ASP C 188 -20.83 28.58 -6.81
CA ASP C 188 -19.56 29.31 -6.84
C ASP C 188 -18.39 28.35 -6.81
N ALA C 189 -17.22 28.80 -7.25
CA ALA C 189 -16.00 28.04 -7.05
C ALA C 189 -14.86 28.91 -6.54
N LEU C 190 -14.13 28.40 -5.54
CA LEU C 190 -12.93 29.08 -5.07
C LEU C 190 -11.78 28.44 -5.79
N MET C 191 -10.90 29.28 -6.32
CA MET C 191 -9.74 28.79 -7.01
C MET C 191 -8.52 29.49 -6.45
N PHE C 192 -7.57 28.71 -5.96
CA PHE C 192 -6.33 29.31 -5.49
C PHE C 192 -5.06 28.52 -5.83
N TYR C 193 -3.96 29.25 -5.87
CA TYR C 193 -2.63 28.72 -6.12
C TYR C 193 -1.93 28.30 -4.86
N SER C 194 -1.37 27.09 -4.83
CA SER C 194 -0.67 26.70 -3.64
C SER C 194 0.80 26.68 -3.90
N LEU C 195 1.19 26.94 -5.13
CA LEU C 195 2.62 27.24 -5.41
C LEU C 195 2.79 28.71 -5.73
N LYS C 196 3.96 29.22 -5.39
CA LYS C 196 4.34 30.54 -5.89
C LYS C 196 4.75 30.44 -7.36
N PRO C 197 4.88 31.58 -8.04
CA PRO C 197 5.27 31.51 -9.45
C PRO C 197 6.51 30.66 -9.75
N ASP C 198 7.52 30.73 -8.88
CA ASP C 198 8.74 29.96 -9.09
C ASP C 198 8.61 28.50 -8.75
N GLY C 199 7.43 28.08 -8.30
CA GLY C 199 7.18 26.67 -7.99
C GLY C 199 7.37 26.24 -6.55
N SER C 200 7.92 27.11 -5.71
CA SER C 200 8.00 26.86 -4.27
C SER C 200 6.63 26.91 -3.56
N ASN C 201 6.57 26.28 -2.38
CA ASN C 201 5.30 26.19 -1.63
C ASN C 201 4.85 27.55 -1.17
N ASP C 202 3.56 27.82 -1.32
CA ASP C 202 3.05 29.06 -0.77
C ASP C 202 2.33 28.80 0.52
N PRO C 203 3.01 29.04 1.66
CA PRO C 203 2.38 28.73 2.94
C PRO C 203 1.13 29.58 3.16
N ALA C 204 0.85 30.51 2.24
CA ALA C 204 -0.32 31.39 2.34
C ALA C 204 -1.57 30.65 1.86
N SER C 205 -1.37 29.47 1.25
CA SER C 205 -2.50 28.73 0.68
C SER C 205 -3.07 27.69 1.67
N LEU C 206 -2.46 27.64 2.84
CA LEU C 206 -3.02 26.91 3.96
C LEU C 206 -4.51 27.29 4.08
N HIS C 207 -5.36 26.26 4.09
CA HIS C 207 -6.82 26.48 4.17
C HIS C 207 -7.62 25.39 4.92
N GLY C 208 -8.66 25.79 5.63
CA GLY C 208 -9.51 24.86 6.35
C GLY C 208 -10.98 25.13 6.11
N SER C 209 -11.82 24.31 6.73
CA SER C 209 -13.26 24.49 6.59
C SER C 209 -13.86 24.81 7.97
N CYS C 210 -14.43 26.00 8.11
CA CYS C 210 -15.05 26.41 9.35
C CYS C 210 -16.22 25.54 9.76
N PRO C 211 -16.47 25.40 11.08
CA PRO C 211 -17.58 24.57 11.52
C PRO C 211 -18.88 25.02 10.85
N THR C 212 -19.65 24.05 10.39
CA THR C 212 -20.89 24.33 9.70
C THR C 212 -21.98 24.46 10.72
N LEU C 213 -22.42 25.70 10.91
CA LEU C 213 -23.32 26.11 12.01
C LEU C 213 -24.83 25.97 11.69
N LYS C 214 -25.33 26.91 10.87
CA LYS C 214 -26.66 26.88 10.23
C LYS C 214 -26.53 26.69 8.69
N GLY C 215 -26.84 25.47 8.25
CA GLY C 215 -26.72 25.06 6.85
C GLY C 215 -26.31 23.59 6.76
N ASP C 216 -25.69 23.23 5.65
CA ASP C 216 -25.31 21.85 5.39
C ASP C 216 -24.38 21.79 4.17
N LYS C 217 -23.07 21.70 4.43
CA LYS C 217 -22.05 21.92 3.40
C LYS C 217 -21.74 20.66 2.61
N TRP C 218 -21.86 20.74 1.28
CA TRP C 218 -21.30 19.78 0.34
C TRP C 218 -20.34 20.54 -0.55
N SER C 219 -19.09 20.03 -0.66
CA SER C 219 -18.13 20.64 -1.56
C SER C 219 -17.44 19.59 -2.41
N ALA C 220 -17.02 20.02 -3.59
CA ALA C 220 -16.24 19.18 -4.48
C ALA C 220 -14.93 19.89 -4.81
N THR C 221 -13.83 19.15 -4.65
CA THR C 221 -12.49 19.72 -4.77
C THR C 221 -11.77 19.16 -6.01
N LYS C 222 -11.20 20.06 -6.79
CA LYS C 222 -10.44 19.68 -7.97
C LYS C 222 -8.99 20.11 -7.73
N TRP C 223 -8.08 19.15 -7.57
CA TRP C 223 -6.62 19.39 -7.54
C TRP C 223 -5.91 19.23 -8.89
N ILE C 224 -5.13 20.23 -9.26
CA ILE C 224 -4.37 20.19 -10.49
C ILE C 224 -2.87 20.27 -10.20
N HIS C 225 -2.10 19.45 -10.88
CA HIS C 225 -0.67 19.34 -10.66
C HIS C 225 0.15 20.10 -11.69
N VAL C 226 1.41 20.39 -11.38
CA VAL C 226 2.30 21.13 -12.31
C VAL C 226 2.64 20.37 -13.58
N ALA C 227 2.68 19.05 -13.52
CA ALA C 227 3.01 18.23 -14.67
C ALA C 227 1.94 17.13 -14.79
N PRO C 228 1.95 16.35 -15.88
CA PRO C 228 0.98 15.23 -16.03
C PRO C 228 1.08 14.08 -15.01
N ILE C 229 -0.05 13.47 -14.66
CA ILE C 229 -0.08 12.44 -13.64
C ILE C 229 0.20 11.07 -14.21
CL CL D . 15.34 6.59 6.17
CL CL E . -13.83 24.36 2.59
#